data_2I53
#
_entry.id   2I53
#
_cell.length_a   40.766
_cell.length_b   69.186
_cell.length_c   50.504
_cell.angle_alpha   90.00
_cell.angle_beta   93.30
_cell.angle_gamma   90.00
#
_symmetry.space_group_name_H-M   'P 1 21 1'
#
loop_
_entity.id
_entity.type
_entity.pdbx_description
1 polymer 'Cyclin K'
2 non-polymer 'ACETATE ION'
3 water water
#
_entity_poly.entity_id   1
_entity_poly.type   'polypeptide(L)'
_entity_poly.pdbx_seq_one_letter_code
;GSVTSANLDHTKPCWYWDKKDLAHTPSQLEGLDPATEARYRREGARFIFDVGTRLGLHYDTLATGIIYFHRFYMFHSFKQ
FPRYVTGACCLFLAGKVEETPKKCKDIIKTARSLLNDVQFGQFGDDPKEEVMVLERILLQTIKFDLQVEHPYQFLLKYAK
QLKGDKNKIQKLVQMAWTFVNDSLCTTLSLQWEPEIIAVAVMYLAGRLCKFEIQEWTSKPMYRRWWEQFVQDVPVDVLED
ICHQILDLYSQGKQQMPH
;
_entity_poly.pdbx_strand_id   A
#
# COMPACT_ATOMS: atom_id res chain seq x y z
N SER A 5 -15.36 5.87 -6.37
CA SER A 5 -16.11 4.68 -6.87
C SER A 5 -16.12 3.62 -5.77
N ALA A 6 -16.38 2.37 -6.16
CA ALA A 6 -16.54 1.25 -5.24
C ALA A 6 -17.88 1.29 -4.51
N ASN A 7 -18.13 2.33 -3.74
CA ASN A 7 -19.41 2.48 -3.05
C ASN A 7 -19.80 3.98 -2.94
N LEU A 8 -21.08 4.28 -3.24
CA LEU A 8 -21.64 5.65 -3.32
C LEU A 8 -20.77 6.51 -4.19
N ASP A 9 -20.75 7.78 -3.82
CA ASP A 9 -19.67 8.68 -4.17
C ASP A 9 -19.06 9.01 -2.82
N HIS A 10 -19.94 9.41 -1.90
CA HIS A 10 -19.58 9.89 -0.57
C HIS A 10 -18.91 8.91 0.42
N THR A 11 -17.78 8.33 -0.01
CA THR A 11 -16.81 7.71 0.91
C THR A 11 -15.44 7.91 0.26
N LYS A 12 -15.09 9.20 0.09
CA LYS A 12 -13.86 9.65 -0.60
C LYS A 12 -12.79 10.27 0.32
N PRO A 13 -13.15 11.22 1.20
CA PRO A 13 -12.18 11.59 2.23
C PRO A 13 -12.43 10.78 3.51
N CYS A 14 -13.35 9.79 3.42
CA CYS A 14 -13.27 8.58 4.25
C CYS A 14 -12.60 7.76 3.19
N TRP A 15 -11.33 7.41 3.44
CA TRP A 15 -10.50 6.77 2.42
C TRP A 15 -10.53 5.26 2.65
N TYR A 16 -11.60 4.72 3.21
CA TYR A 16 -11.68 3.28 3.47
C TYR A 16 -12.91 2.63 2.86
N TRP A 17 -12.74 1.51 2.23
CA TRP A 17 -13.78 0.75 1.54
C TRP A 17 -13.79 -0.65 2.12
N ASP A 18 -14.94 -1.30 2.16
CA ASP A 18 -14.96 -2.72 2.37
C ASP A 18 -14.37 -3.48 1.23
N LYS A 19 -13.79 -4.67 1.45
CA LYS A 19 -13.26 -5.43 0.37
C LYS A 19 -14.40 -5.66 -0.71
N LYS A 20 -15.63 -5.76 -0.23
CA LYS A 20 -16.76 -5.99 -1.14
C LYS A 20 -16.85 -4.93 -2.21
N ASP A 21 -16.58 -3.68 -1.79
CA ASP A 21 -16.75 -2.52 -2.66
C ASP A 21 -15.68 -2.52 -3.70
N LEU A 22 -14.60 -3.24 -3.43
CA LEU A 22 -13.54 -3.24 -4.40
C LEU A 22 -13.90 -4.03 -5.69
N ALA A 23 -15.05 -4.76 -5.73
CA ALA A 23 -15.55 -5.26 -7.00
C ALA A 23 -16.08 -4.17 -7.91
N HIS A 24 -16.25 -2.96 -7.39
CA HIS A 24 -16.86 -1.86 -8.14
C HIS A 24 -15.94 -0.70 -8.37
N THR A 25 -14.66 -1.00 -8.58
CA THR A 25 -13.77 0.06 -8.97
C THR A 25 -14.09 0.51 -10.41
N PRO A 26 -13.67 1.73 -10.76
CA PRO A 26 -13.88 2.21 -12.11
C PRO A 26 -13.42 1.24 -13.17
N SER A 27 -12.26 0.60 -13.01
CA SER A 27 -11.76 -0.35 -13.98
C SER A 27 -12.69 -1.56 -14.10
N GLN A 28 -13.12 -2.11 -12.98
CA GLN A 28 -14.05 -3.30 -13.06
C GLN A 28 -15.39 -2.88 -13.65
N LEU A 29 -15.85 -1.67 -13.35
CA LEU A 29 -17.18 -1.18 -13.88
C LEU A 29 -17.12 -1.09 -15.40
N GLU A 30 -15.91 -0.85 -15.93
CA GLU A 30 -15.62 -0.71 -17.38
C GLU A 30 -15.26 -2.03 -17.98
N GLY A 31 -15.35 -3.11 -17.20
CA GLY A 31 -15.15 -4.45 -17.71
C GLY A 31 -13.83 -5.13 -17.51
N LEU A 32 -12.90 -4.47 -16.85
CA LEU A 32 -11.61 -5.11 -16.66
C LEU A 32 -11.72 -6.31 -15.71
N ASP A 33 -11.02 -7.38 -16.00
CA ASP A 33 -11.12 -8.52 -15.12
C ASP A 33 -10.47 -8.26 -13.73
N PRO A 34 -11.08 -8.75 -12.64
CA PRO A 34 -10.49 -8.51 -11.30
C PRO A 34 -9.03 -8.94 -11.22
N ALA A 35 -8.68 -10.04 -11.87
CA ALA A 35 -7.30 -10.48 -11.74
C ALA A 35 -6.30 -9.55 -12.43
N THR A 36 -6.76 -8.96 -13.52
CA THR A 36 -5.93 -8.05 -14.32
C THR A 36 -5.78 -6.74 -13.50
N GLU A 37 -6.86 -6.27 -12.89
CA GLU A 37 -6.74 -5.06 -12.03
C GLU A 37 -5.74 -5.36 -10.93
N ALA A 38 -5.84 -6.49 -10.26
CA ALA A 38 -4.93 -6.81 -9.18
C ALA A 38 -3.49 -6.80 -9.67
N ARG A 39 -3.26 -7.35 -10.88
CA ARG A 39 -1.89 -7.39 -11.39
C ARG A 39 -1.38 -5.94 -11.68
N TYR A 40 -2.24 -5.14 -12.28
CA TYR A 40 -1.84 -3.77 -12.58
C TYR A 40 -1.50 -2.99 -11.31
N ARG A 41 -2.24 -3.24 -10.24
CA ARG A 41 -1.94 -2.58 -8.96
C ARG A 41 -0.62 -3.10 -8.42
N ARG A 42 -0.35 -4.42 -8.49
CA ARG A 42 0.93 -4.90 -7.94
C ARG A 42 2.08 -4.38 -8.77
N GLU A 43 1.92 -4.36 -10.10
CA GLU A 43 2.97 -3.87 -11.01
C GLU A 43 3.26 -2.38 -10.73
N GLY A 44 2.17 -1.60 -10.59
CA GLY A 44 2.38 -0.15 -10.33
C GLY A 44 3.03 0.10 -9.00
N ALA A 45 2.61 -0.65 -7.96
CA ALA A 45 3.28 -0.50 -6.68
C ALA A 45 4.74 -0.87 -6.71
N ARG A 46 5.02 -2.00 -7.37
CA ARG A 46 6.42 -2.43 -7.37
C ARG A 46 7.22 -1.44 -8.20
N PHE A 47 6.63 -0.85 -9.24
CA PHE A 47 7.33 0.15 -10.03
C PHE A 47 7.69 1.40 -9.20
N ILE A 48 6.76 1.88 -8.36
CA ILE A 48 7.06 3.01 -7.49
C ILE A 48 8.12 2.63 -6.50
N PHE A 49 7.97 1.44 -5.93
CA PHE A 49 9.05 1.01 -5.01
C PHE A 49 10.43 0.99 -5.71
N ASP A 50 10.48 0.43 -6.92
CA ASP A 50 11.79 0.24 -7.62
C ASP A 50 12.38 1.56 -8.03
N VAL A 51 11.57 2.45 -8.58
CA VAL A 51 12.05 3.77 -9.01
C VAL A 51 12.52 4.57 -7.78
N GLY A 52 11.67 4.65 -6.77
CA GLY A 52 12.04 5.34 -5.56
C GLY A 52 13.29 4.79 -4.93
N THR A 53 13.45 3.47 -4.90
CA THR A 53 14.66 2.86 -4.30
C THR A 53 15.89 3.28 -5.11
N ARG A 54 15.81 3.25 -6.45
CA ARG A 54 16.95 3.74 -7.31
C ARG A 54 17.28 5.21 -7.07
N LEU A 55 16.30 6.02 -6.71
CA LEU A 55 16.54 7.42 -6.42
C LEU A 55 16.96 7.64 -4.96
N GLY A 56 17.13 6.55 -4.23
CA GLY A 56 17.43 6.63 -2.78
C GLY A 56 16.41 7.27 -1.87
N LEU A 57 15.12 7.26 -2.25
CA LEU A 57 14.09 7.88 -1.40
C LEU A 57 13.74 7.04 -0.18
N HIS A 58 13.37 7.73 0.91
CA HIS A 58 13.05 7.09 2.15
C HIS A 58 11.78 6.22 2.02
N TYR A 59 11.69 5.14 2.77
CA TYR A 59 10.60 4.15 2.61
C TYR A 59 9.24 4.78 2.84
N ASP A 60 9.11 5.82 3.66
CA ASP A 60 7.78 6.41 3.91
C ASP A 60 7.36 7.18 2.66
N THR A 61 8.28 7.73 1.90
CA THR A 61 7.98 8.40 0.65
C THR A 61 7.47 7.39 -0.40
N LEU A 62 8.10 6.20 -0.49
CA LEU A 62 7.69 5.20 -1.45
C LEU A 62 6.22 4.81 -1.06
N ALA A 63 5.95 4.61 0.20
CA ALA A 63 4.63 4.22 0.68
C ALA A 63 3.61 5.31 0.40
N THR A 64 3.93 6.58 0.60
CA THR A 64 2.98 7.63 0.28
C THR A 64 2.65 7.64 -1.19
N GLY A 65 3.66 7.48 -2.05
CA GLY A 65 3.37 7.40 -3.48
C GLY A 65 2.40 6.24 -3.79
N ILE A 66 2.65 5.11 -3.17
CA ILE A 66 1.82 3.92 -3.45
C ILE A 66 0.41 4.15 -2.94
N ILE A 67 0.23 4.80 -1.79
CA ILE A 67 -1.14 5.10 -1.32
C ILE A 67 -1.85 6.05 -2.26
N TYR A 68 -1.13 7.05 -2.77
CA TYR A 68 -1.77 7.96 -3.75
C TYR A 68 -2.20 7.14 -4.98
N PHE A 69 -1.36 6.24 -5.47
CA PHE A 69 -1.66 5.42 -6.62
C PHE A 69 -2.93 4.57 -6.38
N HIS A 70 -3.00 3.89 -5.23
CA HIS A 70 -4.20 3.06 -4.97
C HIS A 70 -5.45 3.94 -4.93
N ARG A 71 -5.36 5.10 -4.29
CA ARG A 71 -6.56 6.00 -4.18
C ARG A 71 -6.94 6.49 -5.58
N PHE A 72 -5.98 6.81 -6.41
CA PHE A 72 -6.25 7.32 -7.77
C PHE A 72 -7.14 6.36 -8.49
N TYR A 73 -6.84 5.05 -8.43
CA TYR A 73 -7.58 4.06 -9.25
C TYR A 73 -8.88 3.58 -8.58
N MET A 74 -9.28 4.29 -7.50
CA MET A 74 -10.66 4.16 -6.98
C MET A 74 -11.54 5.15 -7.76
N PHE A 75 -10.95 6.11 -8.48
CA PHE A 75 -11.78 7.13 -9.21
C PHE A 75 -11.58 7.12 -10.70
N HIS A 76 -10.57 6.40 -11.22
CA HIS A 76 -10.23 6.35 -12.65
C HIS A 76 -9.85 4.93 -13.02
N SER A 77 -9.95 4.64 -14.32
CA SER A 77 -9.68 3.31 -14.84
C SER A 77 -8.29 3.15 -15.38
N PHE A 78 -7.77 1.94 -15.18
CA PHE A 78 -6.54 1.60 -15.87
C PHE A 78 -6.69 1.64 -17.38
N LYS A 79 -7.91 1.53 -17.88
CA LYS A 79 -8.13 1.66 -19.34
C LYS A 79 -7.79 3.05 -19.90
N GLN A 80 -7.92 4.08 -19.08
CA GLN A 80 -7.72 5.42 -19.52
C GLN A 80 -6.38 5.98 -19.06
N PHE A 81 -5.89 5.48 -17.91
CA PHE A 81 -4.71 6.04 -17.30
C PHE A 81 -3.62 5.00 -17.13
N PRO A 82 -2.64 5.04 -18.04
CA PRO A 82 -1.59 3.98 -17.97
C PRO A 82 -0.87 3.94 -16.64
N ARG A 83 -0.70 2.74 -16.13
CA ARG A 83 -0.29 2.58 -14.74
C ARG A 83 1.10 3.14 -14.39
N TYR A 84 2.08 3.03 -15.34
CA TYR A 84 3.45 3.45 -14.93
C TYR A 84 3.54 4.97 -14.94
N VAL A 85 2.74 5.62 -15.80
CA VAL A 85 2.78 7.12 -15.78
C VAL A 85 2.15 7.58 -14.47
N THR A 86 1.05 6.92 -14.01
CA THR A 86 0.49 7.32 -12.71
C THR A 86 1.47 7.08 -11.59
N GLY A 87 2.13 5.93 -11.67
CA GLY A 87 3.14 5.64 -10.65
C GLY A 87 4.24 6.70 -10.51
N ALA A 88 4.72 7.12 -11.67
CA ALA A 88 5.76 8.15 -11.69
C ALA A 88 5.22 9.46 -11.11
N CYS A 89 4.00 9.81 -11.47
CA CYS A 89 3.41 11.06 -10.99
C CYS A 89 3.19 10.98 -9.49
N CYS A 90 2.70 9.82 -8.99
CA CYS A 90 2.45 9.71 -7.55
C CYS A 90 3.77 9.81 -6.74
N LEU A 91 4.83 9.21 -7.29
CA LEU A 91 6.12 9.30 -6.59
C LEU A 91 6.63 10.76 -6.64
N PHE A 92 6.48 11.41 -7.78
CA PHE A 92 6.90 12.81 -7.89
C PHE A 92 6.20 13.67 -6.84
N LEU A 93 4.87 13.54 -6.76
CA LEU A 93 4.12 14.27 -5.75
C LEU A 93 4.52 13.88 -4.32
N ALA A 94 4.63 12.59 -4.03
CA ALA A 94 5.00 12.19 -2.69
C ALA A 94 6.37 12.78 -2.25
N GLY A 95 7.31 12.88 -3.18
CA GLY A 95 8.67 13.40 -2.78
C GLY A 95 8.52 14.83 -2.37
N LYS A 96 7.63 15.57 -3.04
CA LYS A 96 7.40 16.96 -2.58
C LYS A 96 6.75 17.01 -1.20
N VAL A 97 5.69 16.23 -0.99
CA VAL A 97 4.98 16.23 0.25
C VAL A 97 5.82 15.80 1.44
N GLU A 98 6.66 14.79 1.24
CA GLU A 98 7.45 14.25 2.33
C GLU A 98 8.78 15.01 2.46
N GLU A 99 8.89 16.09 1.72
CA GLU A 99 10.09 16.93 1.74
C GLU A 99 11.38 16.20 1.37
N THR A 100 11.25 15.27 0.43
CA THR A 100 12.39 14.60 -0.22
C THR A 100 12.23 14.71 -1.73
N PRO A 101 12.16 15.94 -2.27
CA PRO A 101 11.80 16.08 -3.67
C PRO A 101 12.84 15.61 -4.67
N LYS A 102 12.36 15.21 -5.85
CA LYS A 102 13.20 14.82 -6.96
C LYS A 102 12.65 15.46 -8.21
N LYS A 103 13.56 15.78 -9.13
CA LYS A 103 13.08 16.40 -10.36
C LYS A 103 12.26 15.41 -11.14
N CYS A 104 11.21 15.90 -11.76
CA CYS A 104 10.47 15.06 -12.67
C CYS A 104 11.43 14.41 -13.69
N LYS A 105 12.33 15.23 -14.25
CA LYS A 105 13.29 14.70 -15.20
C LYS A 105 13.99 13.44 -14.72
N ASP A 106 14.33 13.39 -13.43
CA ASP A 106 15.14 12.31 -12.86
C ASP A 106 14.29 11.06 -12.60
N ILE A 107 13.04 11.29 -12.23
CA ILE A 107 12.07 10.17 -12.14
C ILE A 107 11.87 9.52 -13.51
N ILE A 108 11.71 10.34 -14.54
CA ILE A 108 11.60 9.83 -15.93
C ILE A 108 12.82 9.02 -16.39
N LYS A 109 14.03 9.54 -16.15
CA LYS A 109 15.24 8.85 -16.58
C LYS A 109 15.33 7.54 -15.84
N THR A 110 14.90 7.54 -14.57
CA THR A 110 14.93 6.32 -13.79
C THR A 110 13.90 5.30 -14.32
N ALA A 111 12.72 5.81 -14.63
CA ALA A 111 11.69 4.94 -15.24
C ALA A 111 12.19 4.32 -16.54
N ARG A 112 12.84 5.11 -17.38
CA ARG A 112 13.32 4.61 -18.67
C ARG A 112 14.33 3.51 -18.43
N SER A 113 15.11 3.66 -17.38
CA SER A 113 16.12 2.67 -17.09
C SER A 113 15.55 1.34 -16.60
N LEU A 114 14.35 1.37 -16.02
CA LEU A 114 13.77 0.15 -15.45
C LEU A 114 12.70 -0.49 -16.31
N LEU A 115 12.21 0.24 -17.30
CA LEU A 115 11.06 -0.28 -18.09
C LEU A 115 11.57 -0.62 -19.50
N ASN A 116 10.93 -1.64 -20.06
CA ASN A 116 11.19 -2.01 -21.47
C ASN A 116 10.47 -1.01 -22.40
N ASP A 117 10.71 -1.09 -23.72
CA ASP A 117 10.16 -0.12 -24.64
C ASP A 117 8.64 -0.06 -24.64
N VAL A 118 7.99 -1.21 -24.50
CA VAL A 118 6.53 -1.26 -24.59
C VAL A 118 6.01 -0.62 -23.32
N GLN A 119 6.58 -0.97 -22.17
CA GLN A 119 6.14 -0.34 -20.89
C GLN A 119 6.39 1.15 -20.93
N PHE A 120 7.59 1.59 -21.31
CA PHE A 120 7.89 2.99 -21.34
C PHE A 120 7.07 3.79 -22.39
N GLY A 121 6.57 3.05 -23.40
CA GLY A 121 5.65 3.63 -24.42
C GLY A 121 4.41 4.25 -23.81
N GLN A 122 4.07 3.85 -22.56
CA GLN A 122 2.92 4.46 -21.88
C GLN A 122 3.12 5.96 -21.68
N PHE A 123 4.37 6.43 -21.58
CA PHE A 123 4.68 7.84 -21.36
C PHE A 123 4.53 8.72 -22.61
N GLY A 124 4.39 8.08 -23.77
CA GLY A 124 4.13 8.83 -25.01
C GLY A 124 5.37 9.61 -25.48
N ASP A 125 5.11 10.60 -26.32
CA ASP A 125 6.16 11.35 -26.95
C ASP A 125 6.83 12.30 -25.99
N ASP A 126 6.10 12.78 -24.99
CA ASP A 126 6.68 13.71 -24.02
C ASP A 126 6.45 13.28 -22.58
N PRO A 127 7.32 12.40 -22.11
CA PRO A 127 7.17 11.79 -20.76
C PRO A 127 7.05 12.81 -19.62
N LYS A 128 7.95 13.80 -19.53
CA LYS A 128 7.85 14.79 -18.46
C LYS A 128 6.49 15.48 -18.46
N GLU A 129 6.06 15.91 -19.63
CA GLU A 129 4.78 16.61 -19.75
C GLU A 129 3.56 15.76 -19.36
N GLU A 130 3.59 14.50 -19.74
CA GLU A 130 2.52 13.59 -19.34
C GLU A 130 2.40 13.49 -17.81
N VAL A 131 3.54 13.46 -17.16
CA VAL A 131 3.57 13.34 -15.69
C VAL A 131 3.04 14.67 -15.09
N MET A 132 3.57 15.81 -15.56
CA MET A 132 3.14 17.12 -15.05
C MET A 132 1.67 17.38 -15.27
N VAL A 133 1.13 17.00 -16.43
CA VAL A 133 -0.29 17.12 -16.67
C VAL A 133 -1.13 16.28 -15.71
N LEU A 134 -0.66 15.05 -15.52
CA LEU A 134 -1.39 14.13 -14.69
C LEU A 134 -1.40 14.60 -13.24
N GLU A 135 -0.36 15.28 -12.81
CA GLU A 135 -0.30 15.71 -11.39
C GLU A 135 -1.55 16.54 -10.99
N ARG A 136 -1.98 17.41 -11.89
CA ARG A 136 -3.19 18.20 -11.65
C ARG A 136 -4.42 17.32 -11.43
N ILE A 137 -4.57 16.28 -12.26
CA ILE A 137 -5.66 15.36 -12.14
C ILE A 137 -5.53 14.51 -10.81
N LEU A 138 -4.31 14.15 -10.55
CA LEU A 138 -4.01 13.38 -9.29
C LEU A 138 -4.44 14.18 -8.07
N LEU A 139 -3.99 15.45 -8.02
CA LEU A 139 -4.29 16.26 -6.84
C LEU A 139 -5.76 16.42 -6.66
N GLN A 140 -6.49 16.72 -7.74
CA GLN A 140 -7.93 16.84 -7.61
C GLN A 140 -8.62 15.54 -7.12
N THR A 141 -8.11 14.42 -7.68
CA THR A 141 -8.63 13.13 -7.37
C THR A 141 -8.45 12.72 -5.92
N ILE A 142 -7.30 13.00 -5.34
CA ILE A 142 -7.07 12.65 -3.94
C ILE A 142 -7.45 13.82 -3.03
N LYS A 143 -8.19 14.79 -3.63
CA LYS A 143 -8.89 15.85 -2.82
C LYS A 143 -7.89 16.70 -2.05
N PHE A 144 -6.66 16.82 -2.57
CA PHE A 144 -5.61 17.54 -1.95
C PHE A 144 -5.37 17.12 -0.50
N ASP A 145 -5.64 15.82 -0.28
CA ASP A 145 -5.50 15.24 1.08
C ASP A 145 -4.17 14.45 1.04
N LEU A 146 -3.08 15.10 1.38
CA LEU A 146 -1.75 14.66 1.05
C LEU A 146 -1.03 14.00 2.20
N GLN A 147 -1.48 14.25 3.43
CA GLN A 147 -0.78 13.71 4.56
C GLN A 147 -1.30 12.30 4.86
N VAL A 148 -0.37 11.34 4.86
CA VAL A 148 -0.79 9.93 5.09
C VAL A 148 0.17 9.34 6.13
N GLU A 149 -0.32 8.35 6.87
CA GLU A 149 0.43 7.64 7.84
C GLU A 149 0.47 6.16 7.41
N HIS A 150 1.60 5.53 7.65
CA HIS A 150 1.80 4.13 7.23
C HIS A 150 1.96 3.20 8.43
N PRO A 151 1.90 1.88 8.16
CA PRO A 151 1.91 0.99 9.30
C PRO A 151 3.27 0.89 10.02
N TYR A 152 4.35 1.24 9.31
CA TYR A 152 5.72 0.97 9.87
C TYR A 152 5.85 1.67 11.24
N GLN A 153 5.44 2.93 11.36
CA GLN A 153 5.61 3.63 12.66
C GLN A 153 4.92 2.89 13.78
N PHE A 154 3.73 2.32 13.50
CA PHE A 154 2.95 1.68 14.54
C PHE A 154 3.54 0.30 14.84
N LEU A 155 4.05 -0.42 13.85
CA LEU A 155 4.74 -1.71 14.08
C LEU A 155 5.89 -1.48 15.10
N LEU A 156 6.64 -0.40 14.85
CA LEU A 156 7.79 -0.15 15.80
C LEU A 156 7.30 0.22 17.17
N LYS A 157 6.29 1.09 17.25
CA LYS A 157 5.79 1.53 18.57
C LYS A 157 5.20 0.36 19.33
N TYR A 158 4.41 -0.48 18.66
CA TYR A 158 3.77 -1.57 19.38
C TYR A 158 4.77 -2.64 19.75
N ALA A 159 5.72 -2.98 18.88
CA ALA A 159 6.72 -4.00 19.22
C ALA A 159 7.52 -3.54 20.43
N LYS A 160 7.68 -2.24 20.59
CA LYS A 160 8.52 -1.76 21.72
C LYS A 160 7.86 -2.07 23.06
N GLN A 161 6.54 -2.28 23.07
CA GLN A 161 5.76 -2.57 24.27
C GLN A 161 5.68 -4.05 24.59
N LEU A 162 6.30 -4.89 23.75
CA LEU A 162 6.34 -6.31 23.99
C LEU A 162 7.53 -6.62 24.86
N LYS A 163 7.31 -7.45 25.86
CA LYS A 163 8.39 -7.81 26.79
C LYS A 163 8.60 -9.32 26.76
N GLY A 164 9.80 -9.74 26.37
CA GLY A 164 10.14 -11.15 26.17
C GLY A 164 11.48 -11.31 25.47
N ASP A 165 11.70 -12.50 24.89
CA ASP A 165 12.97 -12.81 24.21
C ASP A 165 13.28 -11.79 23.12
N LYS A 166 14.33 -11.00 23.32
CA LYS A 166 14.69 -9.95 22.35
C LYS A 166 14.93 -10.48 20.93
N ASN A 167 15.47 -11.69 20.82
CA ASN A 167 15.73 -12.26 19.51
C ASN A 167 14.49 -12.74 18.76
N LYS A 168 13.52 -13.29 19.49
CA LYS A 168 12.25 -13.66 18.84
C LYS A 168 11.50 -12.38 18.42
N ILE A 169 11.53 -11.39 19.30
CA ILE A 169 10.86 -10.09 19.02
C ILE A 169 11.49 -9.35 17.83
N GLN A 170 12.81 -9.24 17.79
CA GLN A 170 13.53 -8.74 16.63
C GLN A 170 13.13 -9.46 15.34
N LYS A 171 13.05 -10.77 15.36
CA LYS A 171 12.68 -11.57 14.20
C LYS A 171 11.23 -11.19 13.81
N LEU A 172 10.39 -11.04 14.83
CA LEU A 172 8.95 -10.77 14.59
C LEU A 172 8.88 -9.45 13.84
N VAL A 173 9.62 -8.46 14.29
CA VAL A 173 9.60 -7.15 13.66
C VAL A 173 10.16 -7.19 12.24
N GLN A 174 11.27 -7.91 12.02
CA GLN A 174 11.83 -8.00 10.68
C GLN A 174 10.83 -8.66 9.70
N MET A 175 10.17 -9.73 10.12
CA MET A 175 9.22 -10.43 9.27
C MET A 175 8.03 -9.45 9.00
N ALA A 176 7.55 -8.86 10.09
CA ALA A 176 6.35 -7.98 9.99
C ALA A 176 6.67 -6.80 9.04
N TRP A 177 7.88 -6.26 9.09
CA TRP A 177 8.23 -5.12 8.24
C TRP A 177 8.17 -5.53 6.77
N THR A 178 8.65 -6.75 6.42
CA THR A 178 8.57 -7.27 5.09
C THR A 178 7.08 -7.37 4.69
N PHE A 179 6.22 -7.84 5.62
CA PHE A 179 4.78 -7.95 5.32
C PHE A 179 4.17 -6.57 5.09
N VAL A 180 4.65 -5.54 5.79
CA VAL A 180 4.08 -4.20 5.47
C VAL A 180 4.49 -3.85 4.04
N ASN A 181 5.73 -4.07 3.62
CA ASN A 181 6.09 -3.74 2.25
C ASN A 181 5.20 -4.51 1.29
N ASP A 182 4.95 -5.82 1.58
CA ASP A 182 4.17 -6.65 0.67
C ASP A 182 2.73 -6.12 0.59
N SER A 183 2.21 -5.71 1.76
CA SER A 183 0.78 -5.24 1.82
C SER A 183 0.61 -4.05 0.85
N LEU A 184 1.65 -3.27 0.60
CA LEU A 184 1.52 -2.10 -0.32
C LEU A 184 1.23 -2.51 -1.72
N CYS A 185 1.42 -3.77 -2.11
CA CYS A 185 1.02 -4.28 -3.44
C CYS A 185 -0.44 -4.67 -3.56
N THR A 186 -1.13 -4.67 -2.44
CA THR A 186 -2.54 -5.01 -2.40
C THR A 186 -3.32 -3.71 -2.11
N THR A 187 -4.65 -3.83 -2.09
CA THR A 187 -5.52 -2.69 -1.72
C THR A 187 -5.74 -2.62 -0.21
N LEU A 188 -4.89 -3.29 0.61
CA LEU A 188 -5.13 -3.24 2.06
C LEU A 188 -5.16 -1.83 2.67
N SER A 189 -4.34 -0.91 2.08
CA SER A 189 -4.33 0.46 2.60
C SER A 189 -5.63 1.22 2.29
N LEU A 190 -6.46 0.65 1.43
CA LEU A 190 -7.82 1.25 1.12
C LEU A 190 -8.85 0.55 1.95
N GLN A 191 -8.49 -0.47 2.75
CA GLN A 191 -9.45 -1.22 3.56
C GLN A 191 -9.35 -0.98 5.05
N TRP A 192 -8.11 -0.83 5.59
CA TRP A 192 -7.92 -0.73 7.02
C TRP A 192 -6.89 0.34 7.35
N GLU A 193 -7.14 0.96 8.51
CA GLU A 193 -6.16 1.98 9.03
C GLU A 193 -4.83 1.34 9.28
N PRO A 194 -3.79 2.19 9.22
CA PRO A 194 -2.41 1.64 9.29
C PRO A 194 -2.18 1.02 10.65
N GLU A 195 -2.79 1.45 11.74
CA GLU A 195 -2.62 0.80 13.05
C GLU A 195 -3.11 -0.64 13.01
N ILE A 196 -4.20 -0.86 12.25
CA ILE A 196 -4.72 -2.25 12.16
C ILE A 196 -3.85 -3.10 11.24
N ILE A 197 -3.31 -2.54 10.17
CA ILE A 197 -2.36 -3.33 9.36
C ILE A 197 -1.15 -3.64 10.24
N ALA A 198 -0.65 -2.72 11.08
CA ALA A 198 0.55 -3.05 11.88
C ALA A 198 0.24 -4.18 12.80
N VAL A 199 -0.89 -4.20 13.48
CA VAL A 199 -1.19 -5.35 14.37
C VAL A 199 -1.33 -6.62 13.54
N ALA A 200 -1.96 -6.54 12.34
CA ALA A 200 -2.12 -7.76 11.54
C ALA A 200 -0.81 -8.30 11.11
N VAL A 201 0.18 -7.49 10.72
CA VAL A 201 1.46 -8.09 10.25
C VAL A 201 2.20 -8.69 11.47
N MET A 202 2.04 -8.13 12.66
CA MET A 202 2.64 -8.78 13.86
C MET A 202 1.96 -10.07 14.11
N TYR A 203 0.64 -10.12 14.01
CA TYR A 203 -0.15 -11.37 14.19
C TYR A 203 0.27 -12.41 13.15
N LEU A 204 0.49 -11.99 11.91
CA LEU A 204 0.92 -12.93 10.84
C LEU A 204 2.29 -13.48 11.15
N ALA A 205 3.23 -12.61 11.49
CA ALA A 205 4.61 -13.10 11.80
C ALA A 205 4.52 -14.07 12.97
N GLY A 206 3.76 -13.72 13.99
CA GLY A 206 3.64 -14.63 15.18
C GLY A 206 3.09 -15.98 14.77
N ARG A 207 2.04 -16.03 13.95
CA ARG A 207 1.41 -17.31 13.49
C ARG A 207 2.41 -18.13 12.69
N LEU A 208 3.24 -17.48 11.86
CA LEU A 208 4.16 -18.21 10.96
C LEU A 208 5.30 -18.84 11.74
N CYS A 209 5.76 -18.14 12.76
CA CYS A 209 6.86 -18.58 13.62
C CYS A 209 6.41 -19.33 14.85
N LYS A 210 5.10 -19.52 15.02
CA LYS A 210 4.56 -20.11 16.27
C LYS A 210 5.07 -19.37 17.52
N PHE A 211 5.01 -18.03 17.49
CA PHE A 211 5.36 -17.19 18.62
C PHE A 211 4.04 -16.82 19.30
N GLU A 212 3.96 -16.96 20.63
CA GLU A 212 2.78 -16.55 21.41
C GLU A 212 2.93 -15.12 21.88
N ILE A 213 2.52 -14.17 21.03
CA ILE A 213 2.67 -12.76 21.39
C ILE A 213 1.90 -12.39 22.67
N GLN A 214 0.78 -13.08 22.90
CA GLN A 214 -0.04 -12.89 24.11
C GLN A 214 0.85 -13.00 25.36
N GLU A 215 1.92 -13.80 25.29
CA GLU A 215 2.84 -14.02 26.42
C GLU A 215 3.88 -12.91 26.62
N TRP A 216 3.98 -12.00 25.65
CA TRP A 216 4.91 -10.88 25.73
C TRP A 216 4.24 -9.57 26.16
N THR A 217 2.96 -9.61 26.54
CA THR A 217 2.28 -8.36 26.96
C THR A 217 2.87 -7.92 28.29
N SER A 218 2.99 -6.60 28.48
CA SER A 218 3.75 -6.05 29.60
C SER A 218 3.09 -6.30 30.94
N LYS A 219 1.77 -6.39 30.90
CA LYS A 219 0.95 -6.75 32.06
C LYS A 219 0.06 -7.83 31.52
N PRO A 220 -0.40 -8.75 32.39
CA PRO A 220 -1.32 -9.80 31.92
C PRO A 220 -2.67 -9.20 31.48
N MET A 221 -3.29 -9.77 30.45
CA MET A 221 -4.61 -9.29 30.05
C MET A 221 -5.59 -10.40 29.69
N TYR A 222 -6.86 -10.17 29.98
CA TYR A 222 -7.92 -11.09 29.61
C TYR A 222 -8.08 -11.13 28.09
N ARG A 223 -8.15 -9.96 27.49
CA ARG A 223 -8.53 -9.88 26.11
C ARG A 223 -7.34 -10.10 25.19
N ARG A 224 -7.65 -10.23 23.90
CA ARG A 224 -6.62 -10.39 22.85
C ARG A 224 -5.49 -9.35 22.99
N TRP A 225 -4.22 -9.78 22.87
CA TRP A 225 -3.06 -8.89 23.09
C TRP A 225 -3.15 -7.57 22.35
N TRP A 226 -3.71 -7.59 21.13
CA TRP A 226 -3.72 -6.38 20.33
C TRP A 226 -4.70 -5.33 20.82
N GLU A 227 -5.59 -5.76 21.75
CA GLU A 227 -6.56 -4.79 22.30
C GLU A 227 -5.92 -3.70 23.17
N GLN A 228 -4.63 -3.81 23.45
CA GLN A 228 -3.92 -2.68 24.08
C GLN A 228 -3.51 -1.60 23.09
N PHE A 229 -3.56 -1.96 21.78
CA PHE A 229 -3.14 -1.01 20.77
C PHE A 229 -4.27 -0.45 19.91
N VAL A 230 -5.26 -1.30 19.56
CA VAL A 230 -6.44 -0.91 18.73
C VAL A 230 -7.70 -1.45 19.40
N GLN A 231 -8.79 -0.72 19.26
CA GLN A 231 -9.99 -1.03 19.97
C GLN A 231 -10.99 -1.73 19.06
N ASP A 232 -11.56 -2.81 19.58
CA ASP A 232 -12.68 -3.49 18.93
C ASP A 232 -12.37 -3.99 17.55
N VAL A 233 -11.24 -4.69 17.47
CA VAL A 233 -10.83 -5.30 16.21
C VAL A 233 -10.91 -6.82 16.36
N PRO A 234 -11.89 -7.45 15.71
CA PRO A 234 -12.07 -8.88 15.88
C PRO A 234 -10.97 -9.67 15.22
N VAL A 235 -10.67 -10.85 15.71
CA VAL A 235 -9.64 -11.66 15.09
C VAL A 235 -9.91 -11.95 13.58
N ASP A 236 -11.18 -12.05 13.21
CA ASP A 236 -11.54 -12.32 11.86
C ASP A 236 -10.97 -11.23 10.93
N VAL A 237 -10.88 -10.00 11.45
CA VAL A 237 -10.31 -8.94 10.60
C VAL A 237 -8.82 -9.23 10.40
N LEU A 238 -8.13 -9.58 11.47
CA LEU A 238 -6.70 -9.88 11.31
C LEU A 238 -6.46 -11.04 10.38
N GLU A 239 -7.30 -12.07 10.47
CA GLU A 239 -7.15 -13.21 9.60
C GLU A 239 -7.39 -12.85 8.14
N ASP A 240 -8.41 -12.04 7.88
CA ASP A 240 -8.66 -11.59 6.47
C ASP A 240 -7.38 -10.90 5.91
N ILE A 241 -6.83 -9.98 6.72
CA ILE A 241 -5.64 -9.27 6.24
C ILE A 241 -4.48 -10.22 5.97
N CYS A 242 -4.28 -11.18 6.90
CA CYS A 242 -3.28 -12.21 6.68
C CYS A 242 -3.47 -12.95 5.34
N HIS A 243 -4.70 -13.35 5.08
CA HIS A 243 -4.94 -14.12 3.85
C HIS A 243 -4.62 -13.27 2.63
N GLN A 244 -4.96 -11.96 2.70
CA GLN A 244 -4.67 -11.16 1.53
C GLN A 244 -3.18 -10.94 1.30
N ILE A 245 -2.34 -10.89 2.36
CA ILE A 245 -0.92 -10.81 2.20
C ILE A 245 -0.37 -12.15 1.66
N LEU A 246 -0.78 -13.23 2.34
CA LEU A 246 -0.23 -14.57 1.91
C LEU A 246 -0.62 -14.88 0.47
N ASP A 247 -1.74 -14.35 -0.03
CA ASP A 247 -2.08 -14.56 -1.46
C ASP A 247 -0.97 -14.14 -2.37
N LEU A 248 -0.22 -13.12 -1.99
CA LEU A 248 0.89 -12.68 -2.84
C LEU A 248 2.00 -13.74 -3.02
N TYR A 249 2.11 -14.62 -2.05
CA TYR A 249 3.17 -15.65 -2.00
C TYR A 249 2.67 -16.96 -2.59
N SER A 250 1.36 -17.07 -2.71
CA SER A 250 0.69 -18.22 -3.32
C SER A 250 0.46 -17.86 -4.77
N GLN A 251 1.27 -18.44 -5.65
CA GLN A 251 1.37 -18.01 -7.04
C GLN A 251 1.71 -16.51 -7.05
N GLY A 252 0.98 -15.75 -7.86
CA GLY A 252 1.09 -14.29 -7.91
C GLY A 252 -0.33 -13.78 -7.83
N LYS A 253 -0.82 -13.62 -6.59
CA LYS A 253 -2.23 -13.28 -6.24
C LYS A 253 -3.29 -13.12 -7.34
N GLN A 254 -3.41 -11.89 -7.86
CA GLN A 254 -4.47 -11.49 -8.80
C GLN A 254 -5.87 -11.84 -8.29
N GLN A 255 -6.05 -11.56 -7.00
CA GLN A 255 -7.34 -11.69 -6.37
C GLN A 255 -7.73 -10.29 -5.95
N MET A 256 -8.47 -9.61 -6.82
CA MET A 256 -8.89 -8.24 -6.55
C MET A 256 -10.22 -8.30 -5.76
N PRO A 257 -10.20 -7.80 -4.50
CA PRO A 257 -11.21 -8.11 -3.47
C PRO A 257 -12.67 -7.96 -3.90
N HIS A 258 -13.56 -8.63 -3.17
CA HIS A 258 -14.99 -8.52 -3.39
C HIS A 258 -15.67 -9.25 -2.23
#